data_4C8Z
#
_entry.id   4C8Z
#
_cell.length_a   43.720
_cell.length_b   83.080
_cell.length_c   72.380
_cell.angle_alpha   90.00
_cell.angle_beta   100.65
_cell.angle_gamma   90.00
#
_symmetry.space_group_name_H-M   'P 1 21 1'
#
loop_
_entity.id
_entity.type
_entity.pdbx_description
1 polymer CAS6A
2 polymer 'R1 REPEAT RNA CLEAVAGE PRODUCT'
3 non-polymer 'SULFATE ION'
4 non-polymer 'POTASSIUM ION'
5 water water
#
loop_
_entity_poly.entity_id
_entity_poly.type
_entity_poly.pdbx_seq_one_letter_code
_entity_poly.pdbx_strand_id
1 'polypeptide(L)'
;GAASMVLAALVLVLEGEGLPEPLGLRGFFYGLLREVAPEVHDQGENPFALGFGGREGAAWARVSLLVEGLYARLAPRLYA
LEGEEVRLGPPFRVRAVLQEGHPWAGVSTYPRLFQGPPSRDLALRFASPTFFRRKGVHYPVPEPRLVLESLLRRLEAFGP
LKAPEGVREALLERTTVRSLEGRTLPARTEVDTAGFVGRVVYHLPRATEEEALWLSALGRFAFYSGVGAKTSLGYGRARA
ESA
;
A,B
2 'polyribonucleotide' GGUUGCAGGGAUUAAGCCCCGUAAGGG(23G) C
#
# COMPACT_ATOMS: atom_id res chain seq x y z
N MET A 5 27.61 18.67 -4.64
CA MET A 5 28.11 17.62 -5.55
C MET A 5 28.19 16.25 -4.88
N VAL A 6 28.72 16.17 -3.66
CA VAL A 6 28.95 14.86 -3.04
C VAL A 6 27.86 14.41 -2.05
N LEU A 7 27.54 13.11 -2.11
CA LEU A 7 26.63 12.45 -1.18
C LEU A 7 27.41 11.38 -0.41
N ALA A 8 27.18 11.25 0.89
CA ALA A 8 27.90 10.28 1.70
C ALA A 8 27.03 9.69 2.80
N ALA A 9 27.21 8.39 3.01
CA ALA A 9 26.50 7.64 4.01
C ALA A 9 27.52 6.85 4.82
N LEU A 10 27.70 7.26 6.08
CA LEU A 10 28.69 6.68 6.98
C LEU A 10 27.97 5.85 8.01
N VAL A 11 28.48 4.65 8.26
CA VAL A 11 27.84 3.71 9.18
C VAL A 11 28.69 3.52 10.40
N LEU A 12 28.06 3.72 11.55
CA LEU A 12 28.72 3.50 12.82
C LEU A 12 28.43 2.10 13.27
N VAL A 13 29.43 1.26 13.17
CA VAL A 13 29.37 -0.06 13.78
C VAL A 13 29.38 0.06 15.31
N LEU A 14 28.28 -0.36 15.93
CA LEU A 14 28.07 -0.21 17.37
C LEU A 14 28.38 -1.48 18.17
N GLU A 15 29.00 -1.27 19.32
CA GLU A 15 29.28 -2.31 20.31
C GLU A 15 28.38 -2.04 21.52
N GLY A 16 27.81 -3.11 22.07
CA GLY A 16 26.86 -3.01 23.16
C GLY A 16 25.62 -3.82 22.81
N GLU A 17 24.60 -3.75 23.64
CA GLU A 17 23.38 -4.53 23.44
C GLU A 17 22.14 -3.69 23.17
N GLY A 18 21.22 -4.26 22.40
CA GLY A 18 20.02 -3.55 21.96
C GLY A 18 20.27 -2.90 20.62
N LEU A 19 19.34 -2.01 20.27
CA LEU A 19 19.43 -1.25 19.03
C LEU A 19 19.37 0.21 19.38
N PRO A 20 19.84 1.06 18.47
CA PRO A 20 19.61 2.47 18.75
C PRO A 20 18.14 2.77 18.82
N GLU A 21 17.75 3.80 19.56
CA GLU A 21 16.37 4.25 19.59
C GLU A 21 16.27 5.50 18.75
N PRO A 22 15.18 5.66 18.00
CA PRO A 22 15.05 6.77 17.04
C PRO A 22 15.30 8.16 17.63
N LEU A 23 14.60 8.50 18.71
CA LEU A 23 14.70 9.82 19.31
C LEU A 23 16.05 10.07 19.97
N GLY A 24 16.65 9.02 20.52
CA GLY A 24 17.97 9.11 21.09
C GLY A 24 19.00 9.30 20.00
N LEU A 25 18.82 8.61 18.88
CA LEU A 25 19.74 8.73 17.74
C LEU A 25 19.68 10.13 17.12
N ARG A 26 18.46 10.64 16.92
CA ARG A 26 18.33 12.00 16.42
C ARG A 26 18.86 13.01 17.44
N GLY A 27 18.58 12.78 18.72
CA GLY A 27 19.15 13.63 19.76
C GLY A 27 20.67 13.71 19.65
N PHE A 28 21.30 12.54 19.66
CA PHE A 28 22.73 12.45 19.47
C PHE A 28 23.21 13.28 18.28
N PHE A 29 22.62 13.06 17.10
CA PHE A 29 23.02 13.82 15.90
C PHE A 29 22.88 15.35 15.98
N TYR A 30 21.73 15.83 16.45
CA TYR A 30 21.61 17.28 16.63
C TYR A 30 22.55 17.76 17.72
N GLY A 31 22.92 16.89 18.65
CA GLY A 31 23.93 17.25 19.64
C GLY A 31 25.23 17.64 18.95
N LEU A 32 25.61 16.85 17.95
CA LEU A 32 26.83 17.13 17.19
C LEU A 32 26.70 18.35 16.31
N LEU A 33 25.52 18.59 15.77
CA LEU A 33 25.35 19.80 14.95
C LEU A 33 25.24 21.12 15.74
N ARG A 34 25.05 21.03 17.06
CA ARG A 34 24.74 22.21 17.84
C ARG A 34 25.89 23.21 17.75
N GLU A 35 27.09 22.69 17.51
CA GLU A 35 28.30 23.50 17.54
C GLU A 35 28.71 23.96 16.14
N VAL A 36 28.58 23.06 15.17
CA VAL A 36 28.98 23.30 13.78
C VAL A 36 27.87 23.93 12.95
N ALA A 37 26.63 23.60 13.28
CA ALA A 37 25.49 23.81 12.37
C ALA A 37 24.14 23.78 13.11
N PRO A 38 23.86 24.76 14.00
CA PRO A 38 22.57 24.76 14.72
C PRO A 38 21.42 25.26 13.84
N GLU A 39 21.73 25.68 12.63
CA GLU A 39 20.70 26.20 11.72
C GLU A 39 19.76 25.07 11.25
N VAL A 40 20.27 23.84 11.17
CA VAL A 40 19.60 22.80 10.41
C VAL A 40 18.43 22.21 11.15
N HIS A 41 18.42 22.35 12.47
CA HIS A 41 17.38 21.78 13.34
C HIS A 41 16.04 22.39 13.01
N ASP A 42 16.06 23.63 12.54
CA ASP A 42 14.81 24.35 12.30
C ASP A 42 14.50 24.49 10.81
N GLN A 43 15.41 24.00 9.97
CA GLN A 43 15.20 23.98 8.53
C GLN A 43 14.09 22.99 8.17
N GLY A 44 13.16 23.41 7.34
CA GLY A 44 12.05 22.58 6.97
C GLY A 44 12.42 21.39 6.09
N GLU A 45 13.59 21.44 5.47
CA GLU A 45 14.00 20.36 4.61
C GLU A 45 15.38 19.90 5.04
N ASN A 46 15.51 18.62 5.39
CA ASN A 46 16.76 18.15 6.00
C ASN A 46 17.86 17.76 5.03
N PRO A 47 19.09 18.30 5.22
CA PRO A 47 20.23 17.97 4.35
C PRO A 47 20.90 16.65 4.75
N PHE A 48 20.14 15.78 5.37
CA PHE A 48 20.67 14.54 5.92
C PHE A 48 19.56 13.53 6.15
N ALA A 49 19.95 12.29 6.45
CA ALA A 49 19.01 11.28 6.92
C ALA A 49 19.71 10.34 7.87
N LEU A 50 19.01 9.91 8.91
CA LEU A 50 19.57 9.01 9.89
C LEU A 50 19.03 7.61 9.73
N GLY A 51 19.74 6.64 10.25
CA GLY A 51 19.22 5.30 10.24
C GLY A 51 19.95 4.40 11.20
N PHE A 52 19.39 3.22 11.42
CA PHE A 52 20.05 2.27 12.28
C PHE A 52 19.54 0.91 11.87
N GLY A 53 20.19 -0.14 12.34
CA GLY A 53 19.66 -1.46 12.15
C GLY A 53 20.58 -2.49 12.73
N GLY A 54 20.45 -3.69 12.16
CA GLY A 54 21.25 -4.83 12.53
C GLY A 54 20.53 -5.73 13.53
N ARG A 55 21.01 -6.95 13.68
CA ARG A 55 20.64 -7.82 14.80
C ARG A 55 21.13 -7.17 16.09
N GLU A 56 20.71 -7.68 17.24
CA GLU A 56 21.16 -7.14 18.52
C GLU A 56 22.52 -7.78 18.82
N GLY A 57 23.48 -6.95 19.20
CA GLY A 57 24.86 -7.38 19.33
C GLY A 57 25.63 -7.06 18.06
N ALA A 58 24.90 -6.83 16.97
CA ALA A 58 25.47 -6.35 15.73
C ALA A 58 24.61 -5.20 15.24
N ALA A 59 24.51 -4.17 16.07
CA ALA A 59 23.78 -2.98 15.73
C ALA A 59 24.70 -2.02 14.98
N TRP A 60 24.09 -1.20 14.13
CA TRP A 60 24.82 -0.16 13.46
C TRP A 60 23.90 1.02 13.30
N ALA A 61 24.51 2.20 13.23
CA ALA A 61 23.77 3.43 13.04
C ALA A 61 24.28 4.06 11.78
N ARG A 62 23.49 4.97 11.22
CA ARG A 62 23.77 5.49 9.90
C ARG A 62 23.57 7.00 9.88
N VAL A 63 24.58 7.73 9.38
CA VAL A 63 24.45 9.16 9.09
C VAL A 63 24.70 9.42 7.61
N SER A 64 23.65 9.95 6.97
CA SER A 64 23.65 10.23 5.55
C SER A 64 23.59 11.74 5.34
N LEU A 65 24.44 12.24 4.46
CA LEU A 65 24.61 13.68 4.32
C LEU A 65 24.42 14.05 2.86
N LEU A 66 23.49 14.98 2.61
CA LEU A 66 23.08 15.33 1.28
C LEU A 66 23.67 16.63 0.80
N VAL A 67 24.48 17.29 1.63
CA VAL A 67 25.23 18.46 1.15
C VAL A 67 26.67 18.44 1.66
N GLU A 68 27.58 18.91 0.82
CA GLU A 68 29.00 18.83 1.11
C GLU A 68 29.41 19.53 2.40
N GLY A 69 28.86 20.71 2.64
CA GLY A 69 29.21 21.49 3.81
C GLY A 69 29.10 20.70 5.09
N LEU A 70 28.06 19.90 5.19
CA LEU A 70 27.84 19.12 6.39
C LEU A 70 28.86 17.99 6.50
N TYR A 71 29.13 17.33 5.38
CA TYR A 71 30.14 16.28 5.39
C TYR A 71 31.45 16.89 5.88
N ALA A 72 31.89 17.99 5.29
CA ALA A 72 33.12 18.64 5.74
C ALA A 72 33.04 18.87 7.23
N ARG A 73 31.97 19.53 7.68
CA ARG A 73 31.89 19.95 9.06
C ARG A 73 31.48 18.84 10.03
N LEU A 74 31.09 17.67 9.52
CA LEU A 74 30.61 16.61 10.39
C LEU A 74 31.47 15.35 10.42
N ALA A 75 32.06 15.03 9.28
CA ALA A 75 32.79 13.79 9.14
C ALA A 75 33.93 13.66 10.14
N PRO A 76 34.72 14.73 10.34
CA PRO A 76 35.81 14.63 11.33
C PRO A 76 35.33 14.27 12.72
N ARG A 77 34.29 14.92 13.22
CA ARG A 77 33.72 14.58 14.53
C ARG A 77 33.32 13.12 14.56
N LEU A 78 32.58 12.67 13.53
CA LEU A 78 32.18 11.27 13.41
C LEU A 78 33.37 10.32 13.51
N TYR A 79 34.37 10.49 12.65
CA TYR A 79 35.55 9.63 12.72
C TYR A 79 36.20 9.65 14.10
N ALA A 80 36.14 10.79 14.77
CA ALA A 80 36.71 10.94 16.12
C ALA A 80 36.01 10.10 17.19
N LEU A 81 34.83 9.59 16.87
CA LEU A 81 34.04 8.81 17.81
C LEU A 81 34.50 7.36 17.92
N GLU A 82 35.38 6.94 17.00
CA GLU A 82 35.87 5.58 17.01
C GLU A 82 36.42 5.37 18.40
N GLY A 83 36.22 4.18 18.97
CA GLY A 83 36.74 3.85 20.29
C GLY A 83 35.97 4.38 21.49
N GLU A 84 35.12 5.38 21.28
CA GLU A 84 34.49 6.09 22.39
C GLU A 84 32.97 5.76 22.45
N GLU A 85 32.31 6.17 23.53
CA GLU A 85 30.96 5.70 23.83
C GLU A 85 29.94 6.81 23.57
N VAL A 86 28.86 6.42 22.89
CA VAL A 86 27.81 7.34 22.47
C VAL A 86 26.49 6.87 23.02
N ARG A 87 25.56 7.79 23.21
CA ARG A 87 24.25 7.47 23.75
C ARG A 87 23.20 7.66 22.67
N LEU A 88 22.70 6.55 22.12
CA LEU A 88 21.74 6.59 21.01
C LEU A 88 20.44 5.97 21.53
N GLY A 89 20.01 6.50 22.67
CA GLY A 89 19.08 5.80 23.54
C GLY A 89 19.94 4.99 24.49
N PRO A 90 20.11 3.69 24.19
CA PRO A 90 21.08 2.94 24.98
C PRO A 90 22.50 3.35 24.61
N PRO A 91 23.45 3.26 25.56
CA PRO A 91 24.88 3.52 25.31
C PRO A 91 25.50 2.45 24.41
N PHE A 92 26.32 2.87 23.45
CA PHE A 92 27.11 1.95 22.63
C PHE A 92 28.53 2.48 22.58
N ARG A 93 29.48 1.60 22.28
CA ARG A 93 30.86 2.01 21.99
C ARG A 93 30.93 2.06 20.48
N VAL A 94 31.53 3.10 19.90
CA VAL A 94 31.67 3.18 18.46
C VAL A 94 32.92 2.45 18.01
N ARG A 95 32.70 1.32 17.32
CA ARG A 95 33.76 0.41 16.95
C ARG A 95 34.47 0.82 15.67
N ALA A 96 33.71 1.33 14.72
CA ALA A 96 34.25 1.70 13.43
C ALA A 96 33.30 2.68 12.78
N VAL A 97 33.84 3.49 11.88
CA VAL A 97 33.08 4.48 11.15
C VAL A 97 33.34 4.23 9.68
N LEU A 98 32.37 3.58 9.03
CA LEU A 98 32.60 3.05 7.70
C LEU A 98 32.03 3.92 6.61
N GLN A 99 32.80 4.02 5.55
CA GLN A 99 32.36 4.57 4.29
C GLN A 99 32.17 3.46 3.25
N GLU A 100 32.85 2.33 3.45
CA GLU A 100 32.86 1.20 2.51
C GLU A 100 32.95 -0.06 3.34
N GLY A 101 32.46 -1.15 2.81
CA GLY A 101 32.51 -2.40 3.53
C GLY A 101 31.29 -2.63 4.36
N HIS A 102 30.24 -1.84 4.15
CA HIS A 102 28.94 -2.09 4.79
C HIS A 102 27.80 -1.83 3.81
N PRO A 103 26.73 -2.64 3.86
CA PRO A 103 25.65 -2.47 2.87
C PRO A 103 24.97 -1.10 2.87
N TRP A 104 24.99 -0.40 4.00
CA TRP A 104 24.34 0.90 4.08
C TRP A 104 25.36 2.04 4.17
N ALA A 105 26.63 1.72 3.88
CA ALA A 105 27.65 2.74 3.71
C ALA A 105 27.90 3.03 2.23
N GLY A 106 28.17 4.28 1.90
CA GLY A 106 28.53 4.59 0.54
C GLY A 106 28.80 6.05 0.30
N VAL A 107 29.40 6.34 -0.84
CA VAL A 107 29.64 7.69 -1.28
C VAL A 107 29.36 7.80 -2.78
N SER A 108 29.00 8.98 -3.25
CA SER A 108 28.76 9.19 -4.66
C SER A 108 28.69 10.69 -4.91
N THR A 109 28.41 11.06 -6.15
CA THR A 109 28.19 12.45 -6.47
C THR A 109 26.81 12.53 -7.08
N TYR A 110 26.29 13.74 -7.14
CA TYR A 110 25.03 13.96 -7.83
C TYR A 110 25.02 13.53 -9.31
N PRO A 111 26.04 13.92 -10.10
CA PRO A 111 26.09 13.50 -11.51
C PRO A 111 26.05 12.00 -11.67
N ARG A 112 26.70 11.30 -10.75
CA ARG A 112 26.82 9.85 -10.79
C ARG A 112 25.50 9.14 -10.49
N LEU A 113 24.56 9.84 -9.85
CA LEU A 113 23.21 9.33 -9.68
C LEU A 113 22.58 9.15 -11.04
N PHE A 114 23.01 9.96 -12.00
CA PHE A 114 22.42 10.03 -13.31
C PHE A 114 23.21 9.25 -14.35
N GLN A 115 23.97 8.23 -13.94
CA GLN A 115 24.77 7.51 -14.91
C GLN A 115 24.23 6.11 -15.22
N GLY A 116 22.93 5.91 -15.02
CA GLY A 116 22.23 4.75 -15.52
C GLY A 116 22.72 3.40 -15.02
N PRO A 117 22.31 2.31 -15.67
CA PRO A 117 21.46 2.35 -16.86
C PRO A 117 20.06 2.84 -16.54
N PRO A 118 19.38 3.45 -17.51
CA PRO A 118 18.06 3.97 -17.20
C PRO A 118 17.01 2.90 -17.38
N SER A 119 16.11 2.78 -16.39
CA SER A 119 15.11 1.74 -16.41
C SER A 119 13.71 2.30 -16.29
N ARG A 120 12.79 1.73 -17.09
CA ARG A 120 11.37 1.98 -16.94
C ARG A 120 10.85 1.50 -15.57
N ASP A 121 11.65 0.67 -14.90
CA ASP A 121 11.27 0.07 -13.63
C ASP A 121 12.20 0.50 -12.52
N LEU A 122 11.62 0.68 -11.35
CA LEU A 122 12.38 0.98 -10.16
C LEU A 122 11.82 0.18 -8.99
N ALA A 123 12.58 -0.83 -8.56
CA ALA A 123 12.15 -1.63 -7.44
C ALA A 123 12.83 -1.02 -6.23
N LEU A 124 12.03 -0.65 -5.23
CA LEU A 124 12.55 -0.11 -3.98
C LEU A 124 12.26 -1.08 -2.88
N ARG A 125 13.27 -1.26 -2.05
CA ARG A 125 13.11 -1.94 -0.78
C ARG A 125 13.08 -0.89 0.29
N PHE A 126 12.01 -0.93 1.08
CA PHE A 126 11.84 -0.10 2.27
C PHE A 126 12.24 -0.93 3.51
N ALA A 127 13.37 -0.56 4.12
CA ALA A 127 14.05 -1.38 5.12
C ALA A 127 13.69 -0.96 6.55
N SER A 128 13.08 0.22 6.65
CA SER A 128 12.55 0.71 7.91
C SER A 128 11.21 1.36 7.61
N PRO A 129 10.34 1.41 8.60
CA PRO A 129 8.98 1.89 8.39
C PRO A 129 8.95 3.22 7.67
N THR A 130 8.14 3.24 6.61
CA THR A 130 8.05 4.38 5.69
C THR A 130 6.62 4.95 5.64
N PHE A 131 6.52 6.26 5.88
CA PHE A 131 5.22 6.89 5.94
C PHE A 131 5.32 8.34 5.51
N PHE A 132 4.17 8.98 5.38
CA PHE A 132 4.08 10.33 4.83
C PHE A 132 3.12 11.21 5.62
N ARG A 133 3.30 12.52 5.45
CA ARG A 133 2.41 13.52 6.04
C ARG A 133 1.38 14.04 5.03
N ARG A 134 0.10 13.82 5.33
CA ARG A 134 -0.99 14.37 4.51
C ARG A 134 -2.10 14.91 5.38
N LYS A 135 -2.43 16.18 5.20
CA LYS A 135 -3.50 16.82 5.97
C LYS A 135 -3.40 16.59 7.47
N GLY A 136 -2.22 16.75 8.04
CA GLY A 136 -2.05 16.67 9.49
C GLY A 136 -2.26 15.26 10.00
N VAL A 137 -2.06 14.29 9.11
CA VAL A 137 -2.28 12.88 9.40
C VAL A 137 -1.17 12.04 8.76
N HIS A 138 -0.93 10.86 9.29
CA HIS A 138 0.14 9.99 8.80
C HIS A 138 -0.40 8.92 7.82
N TYR A 139 0.28 8.75 6.69
CA TYR A 139 -0.17 7.83 5.63
C TYR A 139 0.96 6.90 5.26
N PRO A 140 0.78 5.59 5.52
CA PRO A 140 1.88 4.64 5.39
C PRO A 140 1.86 3.81 4.13
N VAL A 141 1.14 4.21 3.09
CA VAL A 141 1.14 3.45 1.85
C VAL A 141 2.03 4.20 0.89
N PRO A 142 3.09 3.53 0.37
CA PRO A 142 4.05 4.16 -0.53
C PRO A 142 3.55 4.27 -1.98
N GLU A 143 2.65 5.22 -2.18
CA GLU A 143 2.11 5.44 -3.48
C GLU A 143 3.17 6.04 -4.37
N PRO A 144 3.07 5.79 -5.68
CA PRO A 144 4.11 6.26 -6.61
C PRO A 144 4.44 7.74 -6.42
N ARG A 145 3.41 8.56 -6.31
CA ARG A 145 3.62 10.00 -6.29
C ARG A 145 4.31 10.42 -4.99
N LEU A 146 3.84 9.86 -3.88
CA LEU A 146 4.39 10.16 -2.59
C LEU A 146 5.88 9.84 -2.56
N VAL A 147 6.26 8.67 -3.02
CA VAL A 147 7.65 8.27 -2.98
C VAL A 147 8.51 9.14 -3.89
N LEU A 148 8.17 9.14 -5.17
CA LEU A 148 8.97 9.85 -6.15
C LEU A 148 9.01 11.36 -5.90
N GLU A 149 7.95 11.93 -5.34
CA GLU A 149 7.94 13.38 -5.08
C GLU A 149 8.91 13.70 -3.98
N SER A 150 8.89 12.86 -2.95
CA SER A 150 9.77 13.06 -1.80
C SER A 150 11.22 12.89 -2.23
N LEU A 151 11.48 11.93 -3.11
CA LEU A 151 12.80 11.81 -3.63
C LEU A 151 13.18 13.02 -4.51
N LEU A 152 12.30 13.33 -5.44
CA LEU A 152 12.59 14.36 -6.42
C LEU A 152 12.80 15.70 -5.76
N ARG A 153 11.91 16.05 -4.83
CA ARG A 153 11.92 17.35 -4.14
C ARG A 153 13.28 17.64 -3.49
N ARG A 154 13.79 16.63 -2.81
CA ARG A 154 15.03 16.73 -2.06
C ARG A 154 16.24 16.67 -2.97
N LEU A 155 16.17 15.86 -4.02
CA LEU A 155 17.14 15.95 -5.12
C LEU A 155 17.25 17.38 -5.65
N GLU A 156 16.12 18.01 -5.97
CA GLU A 156 16.14 19.37 -6.50
C GLU A 156 16.62 20.34 -5.42
N ALA A 157 16.23 20.10 -4.19
CA ALA A 157 16.61 20.98 -3.06
C ALA A 157 18.12 21.03 -2.89
N PHE A 158 18.75 19.85 -2.75
CA PHE A 158 20.18 19.81 -2.46
C PHE A 158 21.10 19.52 -3.66
N GLY A 159 20.53 19.19 -4.81
CA GLY A 159 21.31 18.83 -5.97
C GLY A 159 21.40 19.94 -7.00
N PRO A 160 22.28 19.75 -7.99
CA PRO A 160 22.67 20.72 -9.03
C PRO A 160 21.64 20.89 -10.15
N LEU A 161 20.65 20.00 -10.23
CA LEU A 161 19.76 20.01 -11.38
C LEU A 161 18.28 19.82 -11.01
N LYS A 162 17.42 20.57 -11.68
CA LYS A 162 15.98 20.39 -11.58
C LYS A 162 15.49 19.72 -12.88
N ALA A 163 14.58 18.77 -12.73
CA ALA A 163 14.00 18.05 -13.84
C ALA A 163 13.07 18.93 -14.67
N PRO A 164 13.09 18.74 -16.01
CA PRO A 164 12.10 19.43 -16.85
C PRO A 164 10.69 19.12 -16.38
N GLU A 165 9.75 20.05 -16.57
CA GLU A 165 8.41 19.92 -16.01
C GLU A 165 7.63 18.74 -16.59
N GLY A 166 8.00 18.25 -17.77
CA GLY A 166 7.31 17.14 -18.39
C GLY A 166 7.82 15.81 -17.87
N VAL A 167 9.09 15.80 -17.52
CA VAL A 167 9.71 14.66 -16.86
C VAL A 167 9.14 14.52 -15.44
N ARG A 168 8.97 15.67 -14.79
CA ARG A 168 8.34 15.73 -13.47
C ARG A 168 6.93 15.16 -13.51
N GLU A 169 6.13 15.60 -14.47
CA GLU A 169 4.80 15.05 -14.68
C GLU A 169 4.83 13.55 -14.96
N ALA A 170 5.66 13.12 -15.90
CA ALA A 170 5.82 11.69 -16.14
C ALA A 170 6.10 10.95 -14.82
N LEU A 171 7.07 11.42 -14.05
CA LEU A 171 7.44 10.74 -12.80
C LEU A 171 6.32 10.76 -11.77
N LEU A 172 5.70 11.92 -11.58
CA LEU A 172 4.75 12.09 -10.50
C LEU A 172 3.36 11.56 -10.82
N GLU A 173 2.84 11.93 -12.00
CA GLU A 173 1.42 11.68 -12.30
C GLU A 173 1.15 10.36 -13.02
N ARG A 174 2.16 9.80 -13.67
CA ARG A 174 1.97 8.71 -14.62
C ARG A 174 2.76 7.42 -14.26
N THR A 175 3.63 7.50 -13.25
CA THR A 175 4.24 6.31 -12.68
C THR A 175 3.21 5.53 -11.87
N THR A 176 3.26 4.22 -11.97
CA THR A 176 2.26 3.33 -11.36
C THR A 176 2.97 2.22 -10.60
N VAL A 177 2.18 1.33 -10.00
CA VAL A 177 2.74 0.21 -9.26
C VAL A 177 2.54 -1.10 -10.01
N ARG A 178 3.62 -1.84 -10.12
CA ARG A 178 3.64 -3.06 -10.87
C ARG A 178 3.59 -4.22 -9.91
N SER A 179 4.07 -3.99 -8.69
CA SER A 179 4.09 -5.03 -7.68
C SER A 179 4.33 -4.38 -6.33
N LEU A 180 3.69 -4.94 -5.30
CA LEU A 180 3.87 -4.50 -3.92
C LEU A 180 3.80 -5.67 -2.95
N GLU A 181 4.66 -5.67 -1.93
CA GLU A 181 4.66 -6.75 -0.95
C GLU A 181 5.20 -6.19 0.36
N GLY A 182 4.41 -6.36 1.43
CA GLY A 182 4.86 -5.91 2.72
C GLY A 182 3.80 -5.61 3.74
N ARG A 183 4.23 -4.89 4.77
CA ARG A 183 3.34 -4.68 5.92
C ARG A 183 3.74 -3.44 6.63
N THR A 184 2.83 -2.91 7.44
CA THR A 184 3.12 -1.74 8.23
C THR A 184 3.64 -2.19 9.59
N LEU A 185 4.58 -1.43 10.13
CA LEU A 185 5.17 -1.66 11.44
C LEU A 185 5.12 -0.40 12.30
N PRO A 186 5.19 -0.58 13.62
CA PRO A 186 5.06 0.59 14.49
C PRO A 186 6.17 1.60 14.23
N ALA A 187 5.85 2.87 14.40
CA ALA A 187 6.85 3.90 14.23
C ALA A 187 6.68 4.98 15.25
N ARG A 188 7.61 5.02 16.19
CA ARG A 188 7.62 6.04 17.22
C ARG A 188 8.26 7.32 16.67
N THR A 189 7.47 8.37 16.60
CA THR A 189 7.97 9.70 16.30
C THR A 189 7.61 10.56 17.50
N GLU A 190 7.52 11.87 17.32
CA GLU A 190 7.01 12.78 18.35
C GLU A 190 5.59 12.37 18.67
N VAL A 191 5.00 11.63 17.75
CA VAL A 191 3.68 11.07 17.93
C VAL A 191 3.76 9.62 17.42
N ASP A 192 3.02 8.69 18.01
CA ASP A 192 3.13 7.30 17.54
C ASP A 192 2.29 7.05 16.29
N THR A 193 2.92 6.37 15.32
CA THR A 193 2.25 6.05 14.08
C THR A 193 2.71 4.63 13.58
N ALA A 194 2.55 4.36 12.29
CA ALA A 194 3.11 3.16 11.67
C ALA A 194 3.58 3.46 10.24
N GLY A 195 4.41 2.58 9.69
CA GLY A 195 4.88 2.78 8.33
C GLY A 195 5.21 1.50 7.60
N PHE A 196 5.29 1.57 6.27
CA PHE A 196 5.45 0.39 5.42
C PHE A 196 6.88 -0.15 5.41
N VAL A 197 7.01 -1.47 5.50
CA VAL A 197 8.30 -2.10 5.34
C VAL A 197 8.08 -3.25 4.38
N GLY A 198 8.98 -3.35 3.41
CA GLY A 198 8.78 -4.32 2.36
C GLY A 198 9.27 -3.78 1.05
N ARG A 199 8.60 -4.17 -0.03
CA ARG A 199 9.15 -4.00 -1.37
C ARG A 199 8.10 -3.62 -2.39
N VAL A 200 8.43 -2.66 -3.23
CA VAL A 200 7.48 -2.20 -4.22
C VAL A 200 8.25 -1.98 -5.50
N VAL A 201 7.71 -2.49 -6.59
CA VAL A 201 8.26 -2.24 -7.89
C VAL A 201 7.37 -1.23 -8.58
N TYR A 202 7.93 -0.07 -8.91
CA TYR A 202 7.24 0.97 -9.66
C TYR A 202 7.63 0.90 -11.13
N HIS A 203 6.73 1.38 -11.98
CA HIS A 203 6.92 1.30 -13.41
C HIS A 203 6.36 2.53 -14.08
N LEU A 204 7.17 3.22 -14.88
CA LEU A 204 6.71 4.35 -15.68
C LEU A 204 6.48 3.94 -17.13
N PRO A 205 5.22 3.76 -17.55
CA PRO A 205 4.92 3.36 -18.93
C PRO A 205 5.08 4.50 -19.92
N ARG A 206 5.52 4.20 -21.12
CA ARG A 206 5.74 5.22 -22.15
C ARG A 206 6.80 6.24 -21.71
N ALA A 207 7.75 5.77 -20.91
CA ALA A 207 8.80 6.62 -20.42
C ALA A 207 9.77 6.84 -21.56
N THR A 208 10.16 8.09 -21.76
CA THR A 208 11.29 8.43 -22.60
C THR A 208 12.54 8.02 -21.86
N GLU A 209 13.66 7.88 -22.56
CA GLU A 209 14.91 7.47 -21.91
C GLU A 209 15.39 8.47 -20.84
N GLU A 210 15.11 9.75 -21.09
CA GLU A 210 15.38 10.80 -20.11
C GLU A 210 14.63 10.52 -18.81
N GLU A 211 13.31 10.47 -18.93
CA GLU A 211 12.47 10.08 -17.81
C GLU A 211 13.00 8.82 -17.13
N ALA A 212 13.38 7.84 -17.95
CA ALA A 212 13.86 6.57 -17.42
C ALA A 212 15.16 6.74 -16.65
N LEU A 213 15.97 7.71 -17.05
CA LEU A 213 17.22 8.00 -16.34
C LEU A 213 16.97 8.75 -15.03
N TRP A 214 16.03 9.71 -15.07
CA TRP A 214 15.64 10.40 -13.84
C TRP A 214 15.08 9.46 -12.80
N LEU A 215 14.30 8.47 -13.26
CA LEU A 215 13.73 7.48 -12.36
C LEU A 215 14.86 6.69 -11.70
N SER A 216 15.84 6.29 -12.52
CA SER A 216 16.95 5.50 -11.97
C SER A 216 17.75 6.34 -10.97
N ALA A 217 17.84 7.65 -11.23
CA ALA A 217 18.55 8.58 -10.35
C ALA A 217 17.84 8.69 -9.02
N LEU A 218 16.53 8.87 -9.07
CA LEU A 218 15.73 8.90 -7.83
C LEU A 218 15.93 7.62 -7.03
N GLY A 219 15.89 6.50 -7.72
CA GLY A 219 16.19 5.24 -7.09
C GLY A 219 17.54 5.30 -6.42
N ARG A 220 18.54 5.79 -7.13
CA ARG A 220 19.88 5.84 -6.57
C ARG A 220 20.02 6.80 -5.41
N PHE A 221 19.28 7.91 -5.49
CA PHE A 221 19.26 8.95 -4.49
C PHE A 221 18.63 8.46 -3.18
N ALA A 222 17.62 7.60 -3.33
CA ALA A 222 16.92 7.03 -2.17
C ALA A 222 17.88 6.46 -1.13
N PHE A 223 18.96 5.85 -1.61
CA PHE A 223 19.92 5.21 -0.72
C PHE A 223 20.52 6.19 0.29
N TYR A 224 20.65 7.45 -0.13
CA TYR A 224 21.20 8.48 0.74
C TYR A 224 20.12 9.25 1.44
N SER A 225 19.04 9.55 0.73
CA SER A 225 17.99 10.41 1.28
C SER A 225 16.87 9.67 2.05
N GLY A 226 16.66 8.39 1.77
CA GLY A 226 15.52 7.71 2.36
C GLY A 226 14.22 8.30 1.81
N VAL A 227 13.08 7.79 2.30
CA VAL A 227 11.77 8.13 1.73
C VAL A 227 10.76 8.61 2.78
N GLY A 228 10.07 9.71 2.46
CA GLY A 228 9.00 10.20 3.30
C GLY A 228 9.36 11.05 4.51
N ALA A 229 8.50 11.00 5.52
CA ALA A 229 8.70 11.82 6.71
C ALA A 229 9.55 11.12 7.73
N LYS A 230 10.30 11.95 8.47
CA LYS A 230 11.00 11.54 9.69
C LYS A 230 12.12 10.60 9.37
N THR A 231 12.85 10.87 8.30
CA THR A 231 14.14 10.22 8.08
C THR A 231 15.15 10.64 9.14
N SER A 232 14.83 11.71 9.87
CA SER A 232 15.66 12.17 10.98
C SER A 232 15.62 11.22 12.13
N LEU A 233 14.68 10.27 12.08
CA LEU A 233 14.48 9.29 13.14
C LEU A 233 14.85 7.92 12.63
N GLY A 234 15.17 7.80 11.34
CA GLY A 234 15.58 6.53 10.79
C GLY A 234 14.51 5.83 10.01
N TYR A 235 13.38 6.50 9.85
CA TYR A 235 12.27 5.98 9.11
C TYR A 235 12.49 6.26 7.63
N GLY A 236 11.91 5.45 6.78
CA GLY A 236 12.00 5.69 5.36
C GLY A 236 13.34 5.31 4.81
N ARG A 237 14.08 4.49 5.53
CA ARG A 237 15.31 3.96 4.99
C ARG A 237 14.96 3.02 3.83
N ALA A 238 15.48 3.32 2.64
CA ALA A 238 15.20 2.52 1.48
C ALA A 238 16.37 2.45 0.51
N ARG A 239 16.30 1.48 -0.40
CA ARG A 239 17.25 1.39 -1.49
C ARG A 239 16.67 0.63 -2.67
N ALA A 240 17.17 0.95 -3.87
CA ALA A 240 16.74 0.31 -5.11
C ALA A 240 17.33 -1.09 -5.24
N GLU A 241 16.54 -1.99 -5.74
CA GLU A 241 16.94 -3.37 -5.96
C GLU A 241 16.72 -3.67 -7.43
N SER A 242 17.19 -4.82 -7.87
CA SER A 242 17.01 -5.24 -9.26
C SER A 242 15.81 -6.20 -9.35
N MET B 5 -35.63 -4.38 -0.30
CA MET B 5 -34.29 -3.89 -0.69
C MET B 5 -33.31 -4.92 -0.21
N VAL B 6 -33.51 -6.15 -0.64
CA VAL B 6 -32.71 -7.28 -0.21
C VAL B 6 -31.43 -7.31 -1.00
N LEU B 7 -30.37 -7.83 -0.38
CA LEU B 7 -29.12 -8.15 -1.07
C LEU B 7 -28.83 -9.55 -0.74
N ALA B 8 -28.12 -10.23 -1.63
CA ALA B 8 -27.84 -11.62 -1.39
C ALA B 8 -26.54 -12.06 -2.04
N ALA B 9 -25.85 -12.96 -1.34
CA ALA B 9 -24.65 -13.60 -1.81
C ALA B 9 -24.91 -15.07 -1.61
N LEU B 10 -25.19 -15.71 -2.72
CA LEU B 10 -25.53 -17.10 -2.75
C LEU B 10 -24.31 -17.92 -3.10
N VAL B 11 -23.97 -18.88 -2.24
CA VAL B 11 -22.83 -19.75 -2.47
C VAL B 11 -23.23 -21.08 -3.05
N LEU B 12 -22.60 -21.45 -4.15
CA LEU B 12 -22.78 -22.72 -4.78
C LEU B 12 -21.64 -23.66 -4.39
N VAL B 13 -21.94 -24.61 -3.51
CA VAL B 13 -20.94 -25.60 -3.08
C VAL B 13 -20.82 -26.68 -4.14
N LEU B 14 -19.59 -26.91 -4.58
CA LEU B 14 -19.31 -27.73 -5.74
C LEU B 14 -18.66 -29.06 -5.42
N GLU B 15 -19.10 -30.07 -6.16
CA GLU B 15 -18.53 -31.40 -6.07
C GLU B 15 -17.84 -31.71 -7.40
N GLY B 16 -16.56 -32.04 -7.33
CA GLY B 16 -15.78 -32.29 -8.53
C GLY B 16 -14.31 -31.95 -8.32
N GLU B 17 -13.46 -32.60 -9.09
CA GLU B 17 -12.04 -32.32 -9.05
C GLU B 17 -11.77 -30.96 -9.68
N GLY B 18 -10.64 -30.37 -9.35
CA GLY B 18 -10.30 -29.06 -9.87
C GLY B 18 -10.98 -27.88 -9.18
N LEU B 19 -10.86 -26.69 -9.78
CA LEU B 19 -11.41 -25.46 -9.21
C LEU B 19 -12.09 -24.63 -10.29
N PRO B 20 -13.13 -23.84 -9.91
CA PRO B 20 -13.84 -23.00 -10.88
C PRO B 20 -12.95 -21.95 -11.50
N GLU B 21 -13.29 -21.51 -12.72
CA GLU B 21 -12.49 -20.55 -13.46
C GLU B 21 -13.31 -19.32 -13.78
N PRO B 22 -12.70 -18.14 -13.68
CA PRO B 22 -13.53 -16.93 -13.75
C PRO B 22 -14.34 -16.78 -15.06
N LEU B 23 -13.71 -16.98 -16.21
CA LEU B 23 -14.41 -16.88 -17.52
C LEU B 23 -15.60 -17.85 -17.67
N GLY B 24 -15.42 -19.08 -17.21
CA GLY B 24 -16.52 -20.05 -17.16
C GLY B 24 -17.68 -19.63 -16.24
N LEU B 25 -17.34 -19.19 -15.05
CA LEU B 25 -18.32 -18.75 -14.11
C LEU B 25 -19.07 -17.54 -14.65
N ARG B 26 -18.34 -16.56 -15.14
CA ARG B 26 -19.00 -15.37 -15.67
C ARG B 26 -19.89 -15.73 -16.87
N GLY B 27 -19.40 -16.56 -17.78
CA GLY B 27 -20.17 -16.88 -18.97
C GLY B 27 -21.42 -17.65 -18.62
N PHE B 28 -21.25 -18.62 -17.73
CA PHE B 28 -22.37 -19.40 -17.19
C PHE B 28 -23.42 -18.50 -16.53
N PHE B 29 -22.97 -17.53 -15.75
CA PHE B 29 -23.88 -16.57 -15.14
C PHE B 29 -24.61 -15.74 -16.20
N TYR B 30 -23.88 -15.28 -17.19
CA TYR B 30 -24.49 -14.51 -18.27
C TYR B 30 -25.57 -15.32 -19.02
N GLY B 31 -25.33 -16.61 -19.23
CA GLY B 31 -26.37 -17.47 -19.74
C GLY B 31 -27.68 -17.35 -18.94
N LEU B 32 -27.59 -17.53 -17.62
CA LEU B 32 -28.76 -17.40 -16.77
C LEU B 32 -29.39 -16.02 -16.91
N LEU B 33 -28.56 -14.98 -16.95
CA LEU B 33 -29.12 -13.64 -17.15
C LEU B 33 -29.88 -13.46 -18.46
N ARG B 34 -29.39 -14.05 -19.55
CA ARG B 34 -30.10 -14.00 -20.82
C ARG B 34 -31.44 -14.69 -20.70
N GLU B 35 -31.38 -15.89 -20.13
CA GLU B 35 -32.55 -16.76 -19.98
C GLU B 35 -33.59 -16.11 -19.07
N VAL B 36 -33.11 -15.58 -17.97
CA VAL B 36 -33.93 -15.15 -16.85
C VAL B 36 -34.21 -13.63 -16.89
N ALA B 37 -33.41 -12.87 -17.65
CA ALA B 37 -33.62 -11.41 -17.80
C ALA B 37 -32.94 -10.83 -19.04
N GLU B 45 -22.91 -0.06 -14.78
CA GLU B 45 -22.57 -0.59 -13.45
C GLU B 45 -23.37 -1.85 -13.05
N ASN B 46 -22.66 -2.94 -12.78
CA ASN B 46 -23.30 -4.24 -12.57
C ASN B 46 -24.03 -4.41 -11.24
N PRO B 47 -25.29 -4.92 -11.27
CA PRO B 47 -25.99 -5.19 -10.01
C PRO B 47 -25.80 -6.63 -9.49
N PHE B 48 -24.65 -7.19 -9.79
CA PHE B 48 -24.30 -8.49 -9.26
C PHE B 48 -22.81 -8.46 -9.08
N ALA B 49 -22.29 -9.52 -8.45
CA ALA B 49 -20.86 -9.77 -8.54
C ALA B 49 -20.64 -11.26 -8.46
N LEU B 50 -19.50 -11.72 -8.94
CA LEU B 50 -19.19 -13.14 -8.92
C LEU B 50 -17.93 -13.43 -8.11
N GLY B 51 -17.87 -14.62 -7.52
CA GLY B 51 -16.63 -15.06 -6.92
C GLY B 51 -16.51 -16.57 -6.92
N PHE B 52 -15.38 -17.05 -6.42
CA PHE B 52 -15.13 -18.49 -6.30
C PHE B 52 -14.00 -18.65 -5.33
N GLY B 53 -13.88 -19.83 -4.75
CA GLY B 53 -12.80 -20.05 -3.81
C GLY B 53 -12.67 -21.45 -3.27
N GLY B 54 -11.91 -21.59 -2.20
CA GLY B 54 -11.71 -22.88 -1.57
C GLY B 54 -10.55 -23.63 -2.19
N ARG B 55 -10.26 -24.81 -1.68
CA ARG B 55 -9.29 -25.69 -2.31
C ARG B 55 -9.89 -26.73 -3.19
N GLU B 56 -9.00 -27.36 -3.95
CA GLU B 56 -9.42 -28.37 -4.86
C GLU B 56 -10.19 -29.43 -4.09
N GLY B 57 -11.35 -29.80 -4.62
CA GLY B 57 -12.20 -30.78 -4.00
C GLY B 57 -13.03 -30.16 -2.89
N ALA B 58 -12.80 -28.89 -2.59
CA ALA B 58 -13.62 -28.17 -1.62
C ALA B 58 -13.89 -26.80 -2.17
N ALA B 59 -14.17 -26.76 -3.46
CA ALA B 59 -14.38 -25.51 -4.15
C ALA B 59 -15.82 -25.05 -4.05
N TRP B 60 -16.01 -23.77 -4.32
CA TRP B 60 -17.32 -23.17 -4.30
C TRP B 60 -17.29 -21.95 -5.21
N ALA B 61 -18.48 -21.57 -5.68
CA ALA B 61 -18.68 -20.34 -6.45
C ALA B 61 -19.70 -19.47 -5.75
N ARG B 62 -19.70 -18.17 -5.99
CA ARG B 62 -20.70 -17.31 -5.37
C ARG B 62 -21.26 -16.27 -6.32
N VAL B 63 -22.56 -16.05 -6.18
CA VAL B 63 -23.28 -15.06 -6.96
C VAL B 63 -23.82 -14.03 -6.00
N SER B 64 -23.41 -12.78 -6.18
CA SER B 64 -23.99 -11.69 -5.43
C SER B 64 -24.98 -11.00 -6.30
N LEU B 65 -26.11 -10.67 -5.69
CA LEU B 65 -27.21 -9.97 -6.31
C LEU B 65 -27.53 -8.75 -5.44
N LEU B 66 -27.53 -7.59 -6.09
CA LEU B 66 -27.49 -6.31 -5.43
C LEU B 66 -28.82 -5.57 -5.54
N VAL B 67 -29.70 -6.07 -6.40
CA VAL B 67 -31.06 -5.54 -6.55
C VAL B 67 -32.07 -6.68 -6.46
N GLU B 68 -33.26 -6.37 -5.97
CA GLU B 68 -34.34 -7.35 -5.76
C GLU B 68 -34.84 -8.02 -7.03
N GLY B 69 -35.00 -7.22 -8.07
CA GLY B 69 -35.38 -7.75 -9.36
C GLY B 69 -34.52 -8.93 -9.70
N LEU B 70 -33.22 -8.83 -9.47
CA LEU B 70 -32.33 -9.92 -9.83
C LEU B 70 -32.41 -11.10 -8.88
N TYR B 71 -32.58 -10.83 -7.60
CA TYR B 71 -32.63 -11.93 -6.65
C TYR B 71 -33.84 -12.78 -7.04
N ALA B 72 -35.00 -12.13 -7.16
CA ALA B 72 -36.26 -12.81 -7.49
C ALA B 72 -36.21 -13.57 -8.81
N ARG B 73 -35.32 -13.17 -9.71
CA ARG B 73 -35.23 -13.78 -11.04
C ARG B 73 -34.26 -14.94 -11.05
N LEU B 74 -33.14 -14.75 -10.36
CA LEU B 74 -32.02 -15.68 -10.46
C LEU B 74 -32.00 -16.72 -9.36
N ALA B 75 -32.41 -16.33 -8.16
CA ALA B 75 -32.32 -17.27 -7.06
C ALA B 75 -33.06 -18.57 -7.36
N PRO B 76 -34.29 -18.48 -7.93
CA PRO B 76 -35.04 -19.73 -8.18
C PRO B 76 -34.30 -20.64 -9.14
N ARG B 77 -33.47 -20.01 -9.95
CA ARG B 77 -32.82 -20.63 -11.07
C ARG B 77 -31.49 -21.25 -10.64
N LEU B 78 -30.86 -20.66 -9.63
CA LEU B 78 -29.71 -21.27 -8.97
C LEU B 78 -30.15 -22.47 -8.14
N TYR B 79 -31.27 -22.34 -7.42
CA TYR B 79 -31.78 -23.47 -6.65
C TYR B 79 -32.09 -24.65 -7.56
N ALA B 80 -32.72 -24.39 -8.70
CA ALA B 80 -33.05 -25.45 -9.66
C ALA B 80 -31.83 -26.22 -10.15
N LEU B 81 -30.62 -25.71 -9.91
CA LEU B 81 -29.41 -26.41 -10.36
C LEU B 81 -28.82 -27.33 -9.28
N GLU B 82 -29.42 -27.34 -8.09
CA GLU B 82 -28.99 -28.26 -7.03
C GLU B 82 -29.09 -29.69 -7.51
N GLY B 83 -27.99 -30.43 -7.41
CA GLY B 83 -27.95 -31.82 -7.79
C GLY B 83 -27.51 -31.96 -9.24
N GLU B 84 -27.43 -30.82 -9.94
CA GLU B 84 -27.15 -30.80 -11.39
C GLU B 84 -25.71 -30.43 -11.67
N GLU B 85 -25.26 -30.78 -12.86
CA GLU B 85 -23.87 -30.57 -13.28
C GLU B 85 -23.74 -29.33 -14.15
N VAL B 86 -22.92 -28.38 -13.69
CA VAL B 86 -22.64 -27.14 -14.43
C VAL B 86 -21.17 -27.06 -14.84
N ARG B 87 -20.89 -26.26 -15.87
CA ARG B 87 -19.51 -25.98 -16.25
C ARG B 87 -19.08 -24.58 -15.81
N LEU B 88 -18.00 -24.56 -15.02
CA LEU B 88 -17.40 -23.32 -14.55
C LEU B 88 -15.92 -23.49 -14.85
N GLY B 89 -15.62 -23.69 -16.12
CA GLY B 89 -14.36 -24.25 -16.52
C GLY B 89 -14.52 -25.74 -16.49
N PRO B 90 -13.95 -26.40 -15.48
CA PRO B 90 -14.27 -27.82 -15.30
C PRO B 90 -15.74 -28.09 -14.93
N PRO B 91 -16.18 -29.33 -15.11
CA PRO B 91 -17.54 -29.73 -14.75
C PRO B 91 -17.72 -29.93 -13.25
N PHE B 92 -18.78 -29.37 -12.68
CA PHE B 92 -19.06 -29.53 -11.25
C PHE B 92 -20.51 -29.91 -10.94
N ARG B 93 -20.68 -30.76 -9.95
CA ARG B 93 -22.00 -31.01 -9.41
C ARG B 93 -22.32 -29.99 -8.31
N VAL B 94 -23.34 -29.17 -8.54
CA VAL B 94 -23.76 -28.20 -7.53
C VAL B 94 -24.43 -29.01 -6.44
N ARG B 95 -23.78 -29.20 -5.30
CA ARG B 95 -24.40 -30.00 -4.23
C ARG B 95 -25.34 -29.17 -3.39
N ALA B 96 -25.17 -27.85 -3.39
CA ALA B 96 -26.02 -27.00 -2.53
C ALA B 96 -25.98 -25.53 -2.90
N VAL B 97 -27.13 -24.85 -2.81
CA VAL B 97 -27.15 -23.39 -2.97
C VAL B 97 -27.45 -22.77 -1.61
N LEU B 98 -26.42 -22.11 -1.08
CA LEU B 98 -26.42 -21.59 0.28
C LEU B 98 -26.61 -20.07 0.38
N GLN B 99 -27.46 -19.68 1.30
CA GLN B 99 -27.68 -18.28 1.62
C GLN B 99 -27.14 -17.99 3.01
N GLU B 100 -26.73 -19.03 3.72
CA GLU B 100 -26.19 -18.96 5.08
C GLU B 100 -25.55 -20.33 5.38
N GLY B 101 -24.63 -20.40 6.35
CA GLY B 101 -23.89 -21.63 6.60
C GLY B 101 -22.57 -21.73 5.82
N HIS B 102 -22.16 -20.62 5.21
CA HIS B 102 -20.88 -20.54 4.51
C HIS B 102 -20.34 -19.15 4.83
N PRO B 103 -19.03 -19.05 4.99
CA PRO B 103 -18.48 -17.75 5.36
C PRO B 103 -18.78 -16.69 4.33
N TRP B 104 -18.93 -17.12 3.08
CA TRP B 104 -19.14 -16.20 1.96
C TRP B 104 -20.58 -16.15 1.44
N ALA B 105 -21.51 -16.80 2.16
CA ALA B 105 -22.94 -16.72 1.86
C ALA B 105 -23.66 -15.81 2.86
N GLY B 106 -24.62 -15.04 2.35
CA GLY B 106 -25.39 -14.15 3.20
C GLY B 106 -26.52 -13.47 2.50
N VAL B 107 -27.47 -12.96 3.28
CA VAL B 107 -28.61 -12.21 2.77
C VAL B 107 -28.89 -11.10 3.74
N SER B 108 -29.28 -9.94 3.23
CA SER B 108 -29.60 -8.82 4.13
C SER B 108 -30.47 -7.84 3.39
N THR B 109 -30.61 -6.64 3.94
CA THR B 109 -31.24 -5.54 3.25
C THR B 109 -30.33 -4.33 3.28
N TYR B 110 -30.65 -3.34 2.48
CA TYR B 110 -29.89 -2.12 2.43
C TYR B 110 -29.84 -1.35 3.74
N PRO B 111 -31.02 -1.15 4.39
CA PRO B 111 -31.11 -0.48 5.70
C PRO B 111 -30.25 -1.15 6.76
N ARG B 112 -30.23 -2.48 6.74
CA ARG B 112 -29.40 -3.25 7.65
C ARG B 112 -27.90 -3.01 7.44
N LEU B 113 -27.49 -2.54 6.27
CA LEU B 113 -26.09 -2.26 6.06
C LEU B 113 -25.70 -1.11 7.00
N PHE B 114 -26.71 -0.33 7.39
CA PHE B 114 -26.46 0.80 8.25
C PHE B 114 -26.62 0.44 9.74
N GLN B 115 -26.55 -0.86 10.06
CA GLN B 115 -26.70 -1.38 11.45
C GLN B 115 -25.86 -0.59 12.37
N GLY B 116 -24.57 -0.66 12.07
CA GLY B 116 -23.51 -0.24 12.95
C GLY B 116 -22.94 -1.49 13.58
N PRO B 117 -22.20 -1.34 14.68
CA PRO B 117 -21.97 -0.04 15.31
C PRO B 117 -21.12 0.80 14.40
N PRO B 118 -21.13 2.11 14.60
CA PRO B 118 -20.30 2.99 13.80
C PRO B 118 -18.88 2.97 14.34
N SER B 119 -17.89 2.97 13.45
CA SER B 119 -16.51 2.94 13.90
C SER B 119 -15.65 3.80 13.02
N ARG B 120 -14.60 4.35 13.61
CA ARG B 120 -13.67 5.22 12.90
C ARG B 120 -12.78 4.37 12.03
N ASP B 121 -12.61 3.12 12.43
CA ASP B 121 -11.83 2.15 11.70
C ASP B 121 -12.71 1.25 10.87
N LEU B 122 -12.15 0.80 9.75
CA LEU B 122 -12.73 -0.24 8.93
C LEU B 122 -11.64 -1.20 8.47
N ALA B 123 -11.70 -2.42 8.95
CA ALA B 123 -10.75 -3.44 8.58
C ALA B 123 -11.38 -4.21 7.43
N LEU B 124 -10.67 -4.32 6.31
CA LEU B 124 -11.13 -5.11 5.20
C LEU B 124 -10.11 -6.19 4.87
N ARG B 125 -10.59 -7.41 4.69
CA ARG B 125 -9.80 -8.49 4.09
C ARG B 125 -10.15 -8.61 2.59
N PHE B 126 -9.09 -8.58 1.79
CA PHE B 126 -9.14 -8.80 0.36
C PHE B 126 -8.71 -10.23 0.09
N ALA B 127 -9.73 -11.02 -0.30
CA ALA B 127 -9.63 -12.47 -0.43
C ALA B 127 -9.29 -12.89 -1.83
N SER B 128 -9.46 -11.99 -2.79
CA SER B 128 -8.94 -12.24 -4.09
C SER B 128 -8.27 -10.97 -4.62
N PRO B 129 -7.43 -11.12 -5.67
CA PRO B 129 -6.75 -9.96 -6.22
C PRO B 129 -7.71 -8.81 -6.48
N THR B 130 -7.38 -7.64 -5.92
CA THR B 130 -8.18 -6.42 -6.07
C THR B 130 -7.37 -5.37 -6.84
N PHE B 131 -7.97 -4.80 -7.89
CA PHE B 131 -7.34 -3.69 -8.59
C PHE B 131 -8.40 -2.74 -9.11
N PHE B 132 -7.94 -1.67 -9.76
CA PHE B 132 -8.79 -0.56 -10.11
C PHE B 132 -8.44 -0.02 -11.48
N ARG B 133 -9.45 0.49 -12.18
CA ARG B 133 -9.19 1.15 -13.44
C ARG B 133 -8.86 2.60 -13.11
N ARG B 134 -7.71 3.06 -13.63
CA ARG B 134 -7.22 4.42 -13.42
C ARG B 134 -6.27 4.83 -14.53
N LYS B 135 -6.63 5.89 -15.25
CA LYS B 135 -5.81 6.35 -16.35
C LYS B 135 -5.61 5.22 -17.36
N GLY B 136 -6.69 4.54 -17.76
CA GLY B 136 -6.58 3.48 -18.76
C GLY B 136 -5.55 2.42 -18.39
N VAL B 137 -5.37 2.22 -17.10
CA VAL B 137 -4.41 1.26 -16.57
C VAL B 137 -5.06 0.55 -15.37
N HIS B 138 -4.53 -0.61 -15.02
CA HIS B 138 -4.95 -1.32 -13.82
C HIS B 138 -3.95 -1.07 -12.69
N TYR B 139 -4.43 -0.47 -11.61
CA TYR B 139 -3.62 -0.11 -10.44
C TYR B 139 -3.93 -1.09 -9.31
N PRO B 140 -2.92 -1.75 -8.73
CA PRO B 140 -3.21 -2.73 -7.67
C PRO B 140 -3.11 -2.24 -6.21
N VAL B 141 -3.02 -0.95 -5.95
CA VAL B 141 -2.84 -0.52 -4.57
C VAL B 141 -4.17 -0.12 -3.92
N PRO B 142 -4.50 -0.70 -2.75
CA PRO B 142 -5.82 -0.44 -2.17
C PRO B 142 -5.92 0.88 -1.39
N GLU B 143 -5.82 1.99 -2.13
CA GLU B 143 -5.81 3.34 -1.54
C GLU B 143 -7.19 3.64 -1.08
N PRO B 144 -7.33 4.29 0.08
CA PRO B 144 -8.65 4.61 0.61
C PRO B 144 -9.67 5.07 -0.42
N ARG B 145 -9.26 6.06 -1.21
CA ARG B 145 -10.17 6.75 -2.10
C ARG B 145 -10.74 5.80 -3.16
N LEU B 146 -9.93 4.85 -3.61
CA LEU B 146 -10.35 3.78 -4.55
C LEU B 146 -11.27 2.75 -3.97
N VAL B 147 -10.85 2.17 -2.86
CA VAL B 147 -11.67 1.23 -2.17
C VAL B 147 -13.05 1.86 -1.93
N LEU B 148 -13.07 3.03 -1.31
CA LEU B 148 -14.32 3.61 -0.84
C LEU B 148 -15.15 4.29 -1.94
N GLU B 149 -14.51 4.95 -2.90
CA GLU B 149 -15.29 5.49 -4.01
C GLU B 149 -15.98 4.33 -4.71
N SER B 150 -15.22 3.25 -4.91
CA SER B 150 -15.76 2.09 -5.56
C SER B 150 -16.97 1.55 -4.83
N LEU B 151 -16.82 1.36 -3.53
CA LEU B 151 -17.93 0.85 -2.75
C LEU B 151 -19.14 1.79 -2.74
N LEU B 152 -18.88 3.06 -2.48
CA LEU B 152 -19.93 4.07 -2.36
C LEU B 152 -20.68 4.33 -3.66
N ARG B 153 -19.97 4.22 -4.77
CA ARG B 153 -20.54 4.37 -6.08
C ARG B 153 -21.63 3.31 -6.31
N ARG B 154 -21.32 2.05 -5.99
CA ARG B 154 -22.27 0.97 -6.18
C ARG B 154 -23.41 1.01 -5.14
N LEU B 155 -23.05 1.31 -3.89
CA LEU B 155 -24.06 1.38 -2.85
C LEU B 155 -25.09 2.45 -3.16
N GLU B 156 -24.62 3.59 -3.64
CA GLU B 156 -25.55 4.62 -4.06
C GLU B 156 -26.31 4.19 -5.31
N ALA B 157 -25.69 3.37 -6.15
CA ALA B 157 -26.36 2.97 -7.39
C ALA B 157 -27.53 2.01 -7.12
N PHE B 158 -27.36 1.12 -6.15
CA PHE B 158 -28.37 0.10 -5.86
C PHE B 158 -29.12 0.25 -4.53
N GLY B 159 -28.64 1.11 -3.65
CA GLY B 159 -29.25 1.30 -2.35
C GLY B 159 -30.23 2.45 -2.41
N PRO B 160 -30.82 2.83 -1.26
CA PRO B 160 -31.79 3.91 -1.06
C PRO B 160 -31.22 5.29 -0.72
N LEU B 161 -29.95 5.31 -0.35
CA LEU B 161 -29.33 6.52 0.13
C LEU B 161 -28.24 7.02 -0.75
N LYS B 162 -28.18 8.34 -0.82
CA LYS B 162 -27.09 9.07 -1.44
C LYS B 162 -26.34 9.65 -0.24
N ALA B 163 -25.01 9.49 -0.18
CA ALA B 163 -24.26 10.03 0.94
C ALA B 163 -24.31 11.55 0.85
N PRO B 164 -24.48 12.22 2.00
CA PRO B 164 -24.37 13.68 1.95
C PRO B 164 -22.98 14.07 1.51
N GLU B 165 -22.84 15.24 0.90
CA GLU B 165 -21.57 15.60 0.29
C GLU B 165 -20.43 15.73 1.29
N GLY B 166 -20.73 16.17 2.51
CA GLY B 166 -19.71 16.34 3.52
C GLY B 166 -19.20 15.00 3.95
N VAL B 167 -20.11 14.02 3.98
CA VAL B 167 -19.78 12.66 4.38
C VAL B 167 -18.90 12.00 3.33
N ARG B 168 -19.29 12.18 2.07
CA ARG B 168 -18.54 11.65 0.93
C ARG B 168 -17.16 12.25 0.96
N GLU B 169 -17.08 13.57 1.10
CA GLU B 169 -15.81 14.25 1.25
C GLU B 169 -14.99 13.61 2.36
N ALA B 170 -15.58 13.43 3.53
CA ALA B 170 -14.85 12.82 4.62
C ALA B 170 -14.26 11.46 4.19
N LEU B 171 -15.12 10.60 3.64
CA LEU B 171 -14.70 9.24 3.28
C LEU B 171 -13.64 9.18 2.20
N LEU B 172 -13.81 9.97 1.15
CA LEU B 172 -12.86 9.93 0.02
C LEU B 172 -11.61 10.81 0.17
N GLU B 173 -11.75 11.95 0.82
CA GLU B 173 -10.63 12.90 0.90
C GLU B 173 -9.83 12.74 2.20
N ARG B 174 -10.44 12.19 3.25
CA ARG B 174 -9.86 12.23 4.60
C ARG B 174 -9.39 10.89 5.12
N THR B 175 -9.97 9.80 4.64
CA THR B 175 -9.66 8.50 5.19
C THR B 175 -8.20 8.12 4.86
N THR B 176 -7.51 7.65 5.88
CA THR B 176 -6.14 7.19 5.71
C THR B 176 -6.06 5.67 5.93
N VAL B 177 -4.84 5.17 6.07
CA VAL B 177 -4.62 3.78 6.44
C VAL B 177 -3.90 3.70 7.78
N ARG B 178 -4.43 2.86 8.65
CA ARG B 178 -3.83 2.57 9.94
C ARG B 178 -2.78 1.47 9.77
N SER B 179 -3.13 0.44 9.02
CA SER B 179 -2.25 -0.69 8.83
C SER B 179 -2.57 -1.42 7.53
N LEU B 180 -1.56 -2.09 7.02
CA LEU B 180 -1.69 -2.80 5.77
C LEU B 180 -0.83 -4.03 5.86
N GLU B 181 -1.28 -5.11 5.25
CA GLU B 181 -0.53 -6.34 5.32
C GLU B 181 -0.90 -7.12 4.07
N GLY B 182 0.04 -7.37 3.19
CA GLY B 182 -0.28 -8.14 2.02
C GLY B 182 0.61 -7.99 0.83
N ARG B 183 0.07 -8.38 -0.33
CA ARG B 183 0.84 -8.51 -1.54
C ARG B 183 -0.03 -8.50 -2.76
N THR B 184 0.56 -8.13 -3.91
CA THR B 184 -0.12 -8.25 -5.19
C THR B 184 0.14 -9.60 -5.88
N LEU B 185 -0.89 -10.11 -6.55
CA LEU B 185 -0.80 -11.39 -7.21
C LEU B 185 -1.24 -11.19 -8.64
N PRO B 186 -0.82 -12.07 -9.55
CA PRO B 186 -1.29 -11.93 -10.94
C PRO B 186 -2.80 -12.10 -11.06
N ALA B 187 -3.42 -11.25 -11.88
CA ALA B 187 -4.78 -11.47 -12.33
C ALA B 187 -4.71 -12.23 -13.66
N ARG B 188 -4.99 -13.53 -13.61
CA ARG B 188 -4.63 -14.47 -14.69
C ARG B 188 -5.55 -14.43 -15.91
N THR B 189 -6.66 -13.72 -15.82
CA THR B 189 -7.47 -13.49 -17.01
C THR B 189 -6.95 -12.29 -17.77
N GLU B 190 -6.10 -11.50 -17.12
CA GLU B 190 -5.71 -10.22 -17.68
C GLU B 190 -4.32 -10.24 -18.31
N VAL B 191 -4.07 -9.27 -19.17
CA VAL B 191 -2.72 -9.02 -19.62
C VAL B 191 -2.14 -7.96 -18.67
N ASP B 192 -0.97 -8.29 -18.13
CA ASP B 192 -0.15 -7.35 -17.41
C ASP B 192 -0.85 -6.66 -16.24
N THR B 193 -1.59 -7.43 -15.45
CA THR B 193 -2.35 -6.88 -14.34
C THR B 193 -2.15 -7.63 -13.03
N ALA B 194 -1.80 -6.90 -11.99
CA ALA B 194 -1.80 -7.47 -10.64
C ALA B 194 -2.95 -6.95 -9.77
N GLY B 195 -3.24 -7.68 -8.70
CA GLY B 195 -4.24 -7.25 -7.74
C GLY B 195 -3.83 -7.54 -6.31
N PHE B 196 -4.27 -6.70 -5.38
CA PHE B 196 -3.88 -6.85 -3.97
C PHE B 196 -4.69 -7.91 -3.21
N VAL B 197 -3.95 -8.77 -2.52
CA VAL B 197 -4.50 -9.69 -1.55
C VAL B 197 -3.89 -9.43 -0.17
N GLY B 198 -4.72 -9.57 0.85
CA GLY B 198 -4.27 -9.34 2.21
C GLY B 198 -5.28 -8.55 2.99
N ARG B 199 -4.80 -7.81 3.99
CA ARG B 199 -5.65 -7.08 4.92
C ARG B 199 -5.24 -5.61 5.00
N VAL B 200 -6.24 -4.72 5.06
CA VAL B 200 -5.99 -3.30 5.23
C VAL B 200 -6.99 -2.70 6.20
N VAL B 201 -6.50 -1.96 7.20
CA VAL B 201 -7.36 -1.26 8.15
C VAL B 201 -7.36 0.23 7.85
N TYR B 202 -8.53 0.74 7.47
CA TYR B 202 -8.72 2.14 7.11
C TYR B 202 -9.23 2.92 8.30
N HIS B 203 -8.82 4.18 8.36
CA HIS B 203 -9.16 5.06 9.49
C HIS B 203 -9.60 6.45 9.06
N LEU B 204 -10.82 6.84 9.46
CA LEU B 204 -11.31 8.20 9.21
C LEU B 204 -11.21 9.06 10.47
N PRO B 205 -10.24 10.02 10.54
CA PRO B 205 -10.04 10.85 11.73
C PRO B 205 -11.09 11.93 11.88
N ARG B 206 -11.47 12.28 13.12
CA ARG B 206 -12.50 13.27 13.37
C ARG B 206 -13.83 12.84 12.84
N ALA B 207 -14.04 11.53 12.66
CA ALA B 207 -15.25 11.05 12.02
C ALA B 207 -16.44 11.39 12.88
N THR B 208 -17.42 12.09 12.33
CA THR B 208 -18.69 12.23 12.99
C THR B 208 -19.37 10.88 13.05
N GLU B 209 -20.37 10.76 13.93
CA GLU B 209 -21.14 9.54 14.05
C GLU B 209 -21.72 9.10 12.71
N GLU B 210 -22.19 10.07 11.91
CA GLU B 210 -22.79 9.78 10.60
C GLU B 210 -21.76 9.24 9.61
N GLU B 211 -20.59 9.87 9.61
CA GLU B 211 -19.49 9.44 8.76
C GLU B 211 -19.07 8.02 9.12
N ALA B 212 -18.96 7.77 10.42
CA ALA B 212 -18.53 6.47 10.90
C ALA B 212 -19.57 5.44 10.51
N LEU B 213 -20.83 5.85 10.57
CA LEU B 213 -21.90 4.98 10.16
C LEU B 213 -21.77 4.59 8.70
N TRP B 214 -21.66 5.59 7.83
CA TRP B 214 -21.46 5.34 6.40
C TRP B 214 -20.26 4.44 6.11
N LEU B 215 -19.16 4.66 6.84
CA LEU B 215 -17.98 3.78 6.73
C LEU B 215 -18.27 2.32 7.11
N SER B 216 -18.98 2.11 8.20
CA SER B 216 -19.34 0.74 8.58
C SER B 216 -20.26 0.08 7.52
N ALA B 217 -21.18 0.88 6.97
CA ALA B 217 -22.06 0.46 5.88
C ALA B 217 -21.32 0.01 4.60
N LEU B 218 -20.34 0.84 4.19
CA LEU B 218 -19.51 0.49 3.05
C LEU B 218 -18.76 -0.82 3.30
N GLY B 219 -18.21 -0.93 4.51
CA GLY B 219 -17.60 -2.19 4.92
C GLY B 219 -18.53 -3.39 4.81
N ARG B 220 -19.77 -3.24 5.26
CA ARG B 220 -20.77 -4.32 5.16
C ARG B 220 -21.19 -4.65 3.73
N PHE B 221 -21.26 -3.62 2.91
CA PHE B 221 -21.62 -3.78 1.53
C PHE B 221 -20.53 -4.50 0.71
N ALA B 222 -19.27 -4.20 0.99
CA ALA B 222 -18.16 -4.92 0.36
C ALA B 222 -18.35 -6.45 0.22
N PHE B 223 -18.85 -7.07 1.27
CA PHE B 223 -19.12 -8.51 1.27
C PHE B 223 -20.00 -8.92 0.08
N TYR B 224 -20.90 -8.05 -0.32
CA TYR B 224 -21.81 -8.33 -1.43
C TYR B 224 -21.21 -7.83 -2.76
N SER B 225 -20.87 -6.56 -2.80
CA SER B 225 -20.49 -5.91 -4.04
C SER B 225 -19.05 -6.20 -4.41
N GLY B 226 -18.22 -6.54 -3.43
CA GLY B 226 -16.80 -6.60 -3.67
C GLY B 226 -16.22 -5.22 -3.96
N VAL B 227 -14.91 -5.17 -4.22
CA VAL B 227 -14.17 -3.91 -4.36
C VAL B 227 -13.36 -3.83 -5.66
N GLY B 228 -13.54 -2.74 -6.39
CA GLY B 228 -12.69 -2.46 -7.53
C GLY B 228 -13.21 -3.02 -8.83
N ALA B 229 -12.28 -3.33 -9.74
CA ALA B 229 -12.57 -3.66 -11.13
C ALA B 229 -12.75 -5.15 -11.36
N LYS B 230 -13.62 -5.50 -12.32
CA LYS B 230 -13.80 -6.88 -12.79
C LYS B 230 -14.23 -7.82 -11.68
N THR B 231 -15.17 -7.36 -10.88
CA THR B 231 -15.76 -8.22 -9.86
C THR B 231 -16.56 -9.32 -10.52
N SER B 232 -17.01 -9.08 -11.75
CA SER B 232 -17.70 -10.09 -12.53
C SER B 232 -16.81 -11.29 -12.88
N LEU B 233 -15.52 -11.14 -12.66
CA LEU B 233 -14.57 -12.23 -12.87
C LEU B 233 -14.05 -12.73 -11.53
N GLY B 234 -14.65 -12.30 -10.44
CA GLY B 234 -14.24 -12.83 -9.14
C GLY B 234 -13.15 -12.02 -8.47
N TYR B 235 -12.63 -11.01 -9.15
CA TYR B 235 -11.69 -10.09 -8.52
C TYR B 235 -12.41 -9.23 -7.47
N GLY B 236 -11.64 -8.73 -6.50
CA GLY B 236 -12.14 -7.71 -5.58
C GLY B 236 -13.02 -8.30 -4.49
N ARG B 237 -12.92 -9.60 -4.31
CA ARG B 237 -13.72 -10.24 -3.31
C ARG B 237 -13.15 -9.85 -1.97
N ALA B 238 -14.01 -9.25 -1.15
CA ALA B 238 -13.61 -8.68 0.12
C ALA B 238 -14.66 -8.86 1.23
N ARG B 239 -14.21 -8.78 2.48
CA ARG B 239 -15.15 -8.76 3.61
C ARG B 239 -14.62 -7.89 4.75
N ALA B 240 -15.53 -7.37 5.58
CA ALA B 240 -15.16 -6.58 6.74
C ALA B 240 -14.83 -7.51 7.89
N GLU B 241 -13.95 -7.07 8.80
CA GLU B 241 -13.51 -7.88 9.95
C GLU B 241 -13.53 -7.01 11.20
N SER B 242 -13.32 -7.60 12.38
CA SER B 242 -13.33 -6.83 13.64
C SER B 242 -11.97 -6.20 13.96
#